data_6C1O
#
_entry.id   6C1O
#
_cell.length_a   211.030
_cell.length_b   50.384
_cell.length_c   65.513
_cell.angle_alpha   90.00
_cell.angle_beta   106.24
_cell.angle_gamma   90.00
#
_symmetry.space_group_name_H-M   'C 1 2 1'
#
loop_
_entity.id
_entity.type
_entity.pdbx_description
1 polymer 'Fibroblast growth factor receptor 1'
2 non-polymer N-(3-{[3-(2,6-dichloro-3,5-dimethoxyphenyl)-7-{[4-(diethylamino)butyl]amino}-2-oxo-3,4-dihydropyrimido[4,5-d]pyrimidin-1(2H)-yl]methyl}phenyl)prop-2-enamide
3 non-polymer 'SULFATE ION'
4 water water
#
_entity_poly.entity_id   1
_entity_poly.type   'polypeptide(L)'
_entity_poly.pdbx_seq_one_letter_code
;GAMSGVSEYELPEDPRWELPRDRLVLGKPLGEGAFGQVVLAEAIGLDKDKPNRVTKVAVKMLKSDATEKDLSDLISEMEM
MKMIGKHKNIINLLGACTQDGPLYVIVEYASKGNLREYLQARRPPGLEYSYNPSHNPEEQLSSKDLVSCAYQVARGMEYL
ASKKCIHRDLAARNVLVTEDNVMKIADFGLARDIHHIDYYKKTTNGRLPVKWMAPEALFDRIYTHQSDVWSFGVLLWEIF
TLGGSPYPGVPVEELFKLLKEGHRMDKPSNCTNELYMMMRDCWHAVPSQRPTFKQLVEDLDRIVALTSNQE
;
_entity_poly.pdbx_strand_id   A,B
#
# COMPACT_ATOMS: atom_id res chain seq x y z
N GLU A 10 13.08 7.12 -46.75
CA GLU A 10 12.80 7.43 -45.31
C GLU A 10 11.54 6.71 -44.82
N LEU A 11 11.25 6.86 -43.53
CA LEU A 11 10.02 6.34 -42.93
C LEU A 11 8.80 7.11 -43.44
N PRO A 12 7.74 6.39 -43.86
CA PRO A 12 6.52 7.06 -44.27
C PRO A 12 5.76 7.61 -43.06
N GLU A 13 4.98 8.67 -43.26
CA GLU A 13 4.20 9.27 -42.18
C GLU A 13 2.98 8.40 -41.87
N ASP A 14 2.54 8.45 -40.62
CA ASP A 14 1.29 7.86 -40.17
C ASP A 14 0.57 8.89 -39.30
N PRO A 15 -0.40 9.63 -39.89
CA PRO A 15 -1.07 10.70 -39.11
C PRO A 15 -2.00 10.21 -37.98
N ARG A 16 -2.26 8.91 -37.89
CA ARG A 16 -2.94 8.35 -36.71
C ARG A 16 -2.09 8.53 -35.44
N TRP A 17 -0.77 8.44 -35.59
CA TRP A 17 0.16 8.47 -34.45
C TRP A 17 1.14 9.66 -34.43
N GLU A 18 1.21 10.44 -35.50
CA GLU A 18 2.23 11.49 -35.63
C GLU A 18 1.97 12.67 -34.68
N LEU A 19 2.97 13.01 -33.89
CA LEU A 19 2.98 14.20 -33.04
C LEU A 19 4.16 15.06 -33.48
N PRO A 20 3.96 16.39 -33.67
CA PRO A 20 5.12 17.21 -34.05
C PRO A 20 6.24 17.21 -33.00
N ARG A 21 7.47 17.37 -33.48
CA ARG A 21 8.69 17.31 -32.67
C ARG A 21 8.72 18.36 -31.56
N ASP A 22 8.28 19.58 -31.88
CA ASP A 22 8.21 20.68 -30.89
C ASP A 22 7.19 20.48 -29.76
N ARG A 23 6.22 19.58 -29.95
CA ARG A 23 5.26 19.22 -28.90
C ARG A 23 5.82 18.30 -27.81
N LEU A 24 7.10 17.95 -27.88
CA LEU A 24 7.72 17.01 -26.95
C LEU A 24 8.92 17.66 -26.24
N VAL A 25 8.82 17.77 -24.92
CA VAL A 25 9.89 18.30 -24.08
C VAL A 25 10.65 17.13 -23.43
N LEU A 26 11.83 16.84 -23.95
CA LEU A 26 12.63 15.69 -23.54
C LEU A 26 13.31 15.92 -22.19
N GLY A 27 13.15 14.97 -21.27
CA GLY A 27 13.66 15.06 -19.91
C GLY A 27 14.75 14.04 -19.59
N LYS A 28 14.74 13.52 -18.37
CA LYS A 28 15.84 12.67 -17.86
C LYS A 28 15.75 11.22 -18.35
N PRO A 29 16.89 10.50 -18.41
CA PRO A 29 16.88 9.09 -18.84
C PRO A 29 16.09 8.17 -17.90
N LEU A 30 15.34 7.23 -18.48
CA LEU A 30 14.63 6.20 -17.72
C LEU A 30 15.35 4.85 -17.72
N GLY A 31 16.14 4.57 -18.77
CA GLY A 31 16.92 3.34 -18.86
C GLY A 31 17.42 3.08 -20.27
N GLU A 32 18.51 2.32 -20.37
CA GLU A 32 19.10 1.94 -21.66
C GLU A 32 18.66 0.52 -22.01
N GLY A 33 17.76 0.40 -23.00
CA GLY A 33 17.34 -0.90 -23.52
C GLY A 33 18.31 -1.43 -24.57
N ALA A 34 18.06 -2.66 -25.02
CA ALA A 34 18.88 -3.31 -26.03
C ALA A 34 18.70 -2.68 -27.42
N PHE A 35 17.45 -2.53 -27.83
CA PHE A 35 17.09 -1.90 -29.11
C PHE A 35 17.38 -0.40 -29.15
N GLY A 36 17.25 0.27 -28.01
CA GLY A 36 17.56 1.70 -27.89
C GLY A 36 17.46 2.26 -26.48
N GLN A 37 17.63 3.58 -26.39
CA GLN A 37 17.57 4.33 -25.12
C GLN A 37 16.16 4.88 -24.89
N VAL A 38 15.76 4.95 -23.62
CA VAL A 38 14.46 5.50 -23.23
C VAL A 38 14.67 6.71 -22.33
N VAL A 39 13.79 7.69 -22.47
CA VAL A 39 13.88 8.96 -21.73
C VAL A 39 12.49 9.41 -21.29
N LEU A 40 12.42 10.13 -20.17
CA LEU A 40 11.16 10.75 -19.69
C LEU A 40 10.93 12.02 -20.49
N ALA A 41 9.66 12.31 -20.78
CA ALA A 41 9.32 13.52 -21.51
C ALA A 41 7.92 14.01 -21.20
N GLU A 42 7.64 15.23 -21.64
CA GLU A 42 6.33 15.85 -21.53
C GLU A 42 5.81 16.16 -22.92
N ALA A 43 4.60 15.68 -23.22
CA ALA A 43 3.97 15.87 -24.50
C ALA A 43 2.89 16.92 -24.34
N ILE A 44 2.98 18.01 -25.11
CA ILE A 44 1.98 19.06 -25.11
C ILE A 44 0.90 18.70 -26.13
N GLY A 45 -0.36 18.77 -25.70
CA GLY A 45 -1.51 18.57 -26.59
C GLY A 45 -1.55 17.21 -27.25
N LEU A 46 -1.41 16.16 -26.44
CA LEU A 46 -1.46 14.79 -26.95
C LEU A 46 -2.93 14.45 -27.23
N ASP A 47 -3.79 14.72 -26.26
CA ASP A 47 -5.23 14.75 -26.47
C ASP A 47 -5.51 16.04 -27.24
N LYS A 48 -5.82 15.93 -28.52
CA LYS A 48 -6.06 17.11 -29.37
C LYS A 48 -7.35 17.88 -29.05
N ASP A 49 -8.26 17.24 -28.31
CA ASP A 49 -9.42 17.93 -27.73
C ASP A 49 -9.01 18.95 -26.64
N LYS A 50 -7.97 18.61 -25.87
CA LYS A 50 -7.41 19.49 -24.82
C LYS A 50 -5.94 19.85 -25.14
N PRO A 51 -5.71 20.83 -26.04
CA PRO A 51 -4.36 21.09 -26.58
C PRO A 51 -3.38 21.83 -25.65
N ASN A 52 -3.88 22.39 -24.54
CA ASN A 52 -3.03 23.10 -23.56
C ASN A 52 -2.56 22.22 -22.39
N ARG A 53 -2.86 20.92 -22.43
CA ARG A 53 -2.48 19.98 -21.36
C ARG A 53 -1.12 19.36 -21.64
N VAL A 54 -0.36 19.13 -20.57
CA VAL A 54 0.94 18.45 -20.61
C VAL A 54 0.78 17.06 -20.00
N THR A 55 1.22 16.04 -20.73
CA THR A 55 1.14 14.65 -20.27
C THR A 55 2.54 14.05 -20.18
N LYS A 56 2.91 13.54 -19.01
CA LYS A 56 4.18 12.84 -18.83
C LYS A 56 4.16 11.53 -19.61
N VAL A 57 5.19 11.29 -20.42
CA VAL A 57 5.29 10.11 -21.27
C VAL A 57 6.72 9.58 -21.29
N ALA A 58 6.87 8.34 -21.75
CA ALA A 58 8.18 7.72 -21.94
C ALA A 58 8.43 7.68 -23.44
N VAL A 59 9.67 7.93 -23.82
CA VAL A 59 10.04 8.09 -25.22
C VAL A 59 11.23 7.21 -25.53
N LYS A 60 11.08 6.32 -26.52
CA LYS A 60 12.16 5.43 -26.94
C LYS A 60 12.79 5.96 -28.22
N MET A 61 14.11 5.95 -28.27
CA MET A 61 14.89 6.41 -29.42
C MET A 61 16.14 5.55 -29.59
N LEU A 62 16.74 5.58 -30.78
CA LEU A 62 17.96 4.81 -31.06
C LEU A 62 19.14 5.39 -30.27
N LYS A 63 20.07 4.52 -29.87
CA LYS A 63 21.27 4.94 -29.13
C LYS A 63 22.27 5.67 -30.03
N SER A 64 23.34 6.19 -29.43
CA SER A 64 24.38 6.90 -30.18
C SER A 64 25.13 5.95 -31.10
N ASP A 65 25.62 4.84 -30.53
CA ASP A 65 26.22 3.75 -31.29
C ASP A 65 25.15 2.70 -31.61
N ALA A 66 24.40 2.94 -32.68
CA ALA A 66 23.31 2.06 -33.13
C ALA A 66 23.44 1.78 -34.62
N THR A 67 22.83 0.67 -35.06
CA THR A 67 22.99 0.15 -36.42
C THR A 67 21.64 -0.03 -37.12
N GLU A 68 21.68 -0.46 -38.38
CA GLU A 68 20.45 -0.71 -39.17
C GLU A 68 19.51 -1.74 -38.54
N LYS A 69 20.08 -2.72 -37.84
CA LYS A 69 19.29 -3.71 -37.09
C LYS A 69 18.52 -3.10 -35.91
N ASP A 70 19.10 -2.10 -35.25
CA ASP A 70 18.43 -1.38 -34.16
C ASP A 70 17.28 -0.50 -34.67
N LEU A 71 17.44 0.07 -35.85
CA LEU A 71 16.38 0.89 -36.48
C LEU A 71 15.16 0.05 -36.85
N SER A 72 15.39 -1.09 -37.52
CA SER A 72 14.29 -1.97 -37.95
C SER A 72 13.56 -2.65 -36.78
N ASP A 73 14.31 -2.97 -35.71
CA ASP A 73 13.70 -3.51 -34.48
C ASP A 73 12.85 -2.47 -33.72
N LEU A 74 13.29 -1.21 -33.73
CA LEU A 74 12.52 -0.11 -33.16
C LEU A 74 11.23 0.14 -33.95
N ILE A 75 11.37 0.17 -35.27
CA ILE A 75 10.23 0.35 -36.19
C ILE A 75 9.24 -0.83 -36.07
N SER A 76 9.78 -2.04 -35.96
CA SER A 76 8.96 -3.24 -35.77
C SER A 76 8.17 -3.22 -34.46
N GLU A 77 8.82 -2.81 -33.38
CA GLU A 77 8.16 -2.69 -32.07
C GLU A 77 6.98 -1.72 -32.14
N MET A 78 7.24 -0.52 -32.68
CA MET A 78 6.20 0.50 -32.89
C MET A 78 5.01 -0.06 -33.68
N GLU A 79 5.30 -0.60 -34.87
CA GLU A 79 4.25 -1.15 -35.75
C GLU A 79 3.48 -2.30 -35.10
N MET A 80 4.17 -3.13 -34.32
CA MET A 80 3.53 -4.19 -33.54
C MET A 80 2.58 -3.59 -32.50
N MET A 81 3.03 -2.54 -31.81
CA MET A 81 2.19 -1.86 -30.80
C MET A 81 0.94 -1.19 -31.39
N LYS A 82 1.03 -0.70 -32.62
CA LYS A 82 -0.15 -0.18 -33.33
C LYS A 82 -1.24 -1.24 -33.52
N MET A 83 -0.83 -2.45 -33.93
CA MET A 83 -1.75 -3.53 -34.26
C MET A 83 -2.42 -4.13 -33.02
N ILE A 84 -1.65 -4.26 -31.94
CA ILE A 84 -2.14 -4.92 -30.71
C ILE A 84 -3.28 -4.15 -30.04
N GLY A 85 -3.26 -2.82 -30.13
CA GLY A 85 -4.34 -2.00 -29.58
C GLY A 85 -4.20 -1.74 -28.09
N LYS A 86 -5.23 -1.10 -27.54
CA LYS A 86 -5.18 -0.53 -26.19
C LYS A 86 -5.70 -1.50 -25.13
N HIS A 87 -5.04 -1.52 -23.98
CA HIS A 87 -5.58 -2.15 -22.76
C HIS A 87 -4.99 -1.47 -21.54
N LYS A 88 -5.81 -1.29 -20.50
CA LYS A 88 -5.41 -0.64 -19.25
C LYS A 88 -4.12 -1.21 -18.65
N ASN A 89 -3.95 -2.53 -18.75
CA ASN A 89 -2.82 -3.24 -18.13
C ASN A 89 -1.68 -3.63 -19.09
N ILE A 90 -1.50 -2.86 -20.16
CA ILE A 90 -0.26 -2.91 -20.94
C ILE A 90 0.28 -1.49 -21.15
N ILE A 91 1.58 -1.38 -21.43
CA ILE A 91 2.18 -0.11 -21.84
C ILE A 91 1.73 0.18 -23.27
N ASN A 92 0.96 1.25 -23.44
CA ASN A 92 0.34 1.57 -24.73
C ASN A 92 1.17 2.56 -25.54
N LEU A 93 1.07 2.45 -26.85
CA LEU A 93 1.61 3.42 -27.78
C LEU A 93 0.69 4.64 -27.73
N LEU A 94 1.30 5.82 -27.55
CA LEU A 94 0.58 7.09 -27.52
C LEU A 94 0.84 7.94 -28.76
N GLY A 95 2.06 7.89 -29.29
CA GLY A 95 2.39 8.59 -30.52
C GLY A 95 3.78 8.26 -31.04
N ALA A 96 4.22 9.04 -32.01
CA ALA A 96 5.53 8.85 -32.63
C ALA A 96 5.94 10.11 -33.38
N CYS A 97 7.24 10.43 -33.35
CA CYS A 97 7.82 11.48 -34.18
C CYS A 97 8.70 10.76 -35.20
N THR A 98 8.38 10.90 -36.48
CA THR A 98 9.00 10.09 -37.54
C THR A 98 9.65 10.87 -38.68
N GLN A 99 9.45 12.19 -38.74
CA GLN A 99 9.74 12.98 -39.94
C GLN A 99 11.01 13.85 -39.85
N ASP A 100 10.99 14.82 -38.93
CA ASP A 100 12.02 15.89 -38.90
C ASP A 100 13.46 15.38 -38.77
N GLY A 101 13.65 14.34 -37.96
CA GLY A 101 14.96 13.72 -37.76
C GLY A 101 14.83 12.35 -37.11
N PRO A 102 15.44 12.14 -35.93
CA PRO A 102 15.47 10.79 -35.34
C PRO A 102 14.11 10.30 -34.84
N LEU A 103 13.88 8.99 -34.96
CA LEU A 103 12.61 8.36 -34.60
C LEU A 103 12.44 8.36 -33.07
N TYR A 104 11.34 8.96 -32.61
CA TYR A 104 10.90 8.85 -31.22
C TYR A 104 9.62 8.02 -31.21
N VAL A 105 9.57 7.04 -30.33
CA VAL A 105 8.37 6.25 -30.09
C VAL A 105 7.85 6.61 -28.70
N ILE A 106 6.64 7.13 -28.63
CA ILE A 106 6.09 7.70 -27.41
C ILE A 106 5.10 6.71 -26.81
N VAL A 107 5.33 6.32 -25.55
CA VAL A 107 4.48 5.37 -24.84
C VAL A 107 4.12 5.87 -23.45
N GLU A 108 3.17 5.18 -22.81
CA GLU A 108 2.74 5.53 -21.45
C GLU A 108 3.90 5.42 -20.47
N TYR A 109 3.87 6.29 -19.47
CA TYR A 109 4.90 6.38 -18.44
C TYR A 109 4.39 5.71 -17.17
N ALA A 110 5.29 5.00 -16.51
CA ALA A 110 4.99 4.28 -15.27
C ALA A 110 5.99 4.74 -14.22
N SER A 111 5.56 5.69 -13.38
CA SER A 111 6.47 6.42 -12.48
C SER A 111 7.10 5.57 -11.38
N LYS A 112 6.45 4.47 -10.99
CA LYS A 112 6.95 3.60 -9.91
C LYS A 112 7.89 2.47 -10.36
N GLY A 113 8.15 2.34 -11.66
CA GLY A 113 9.16 1.39 -12.15
C GLY A 113 8.66 -0.04 -12.20
N ASN A 114 9.59 -0.99 -12.34
CA ASN A 114 9.24 -2.40 -12.52
C ASN A 114 8.70 -3.05 -11.24
N LEU A 115 7.86 -4.06 -11.40
CA LEU A 115 7.18 -4.73 -10.27
C LEU A 115 8.15 -5.35 -9.25
N ARG A 116 9.26 -5.93 -9.73
CA ARG A 116 10.24 -6.57 -8.83
C ARG A 116 10.85 -5.57 -7.83
N GLU A 117 11.31 -4.42 -8.31
CA GLU A 117 11.91 -3.39 -7.43
C GLU A 117 10.84 -2.78 -6.50
N TYR A 118 9.68 -2.51 -7.06
CA TYR A 118 8.48 -2.05 -6.34
C TYR A 118 8.13 -2.94 -5.13
N LEU A 119 8.07 -4.25 -5.36
CA LEU A 119 7.80 -5.21 -4.30
C LEU A 119 8.95 -5.30 -3.29
N GLN A 120 10.18 -5.34 -3.79
CA GLN A 120 11.38 -5.41 -2.93
C GLN A 120 11.51 -4.21 -1.97
N ALA A 121 11.21 -3.02 -2.49
CA ALA A 121 11.20 -1.79 -1.69
C ALA A 121 10.13 -1.82 -0.59
N ARG A 122 9.05 -2.56 -0.81
CA ARG A 122 7.94 -2.67 0.14
C ARG A 122 8.01 -3.91 1.06
N ARG A 123 9.20 -4.51 1.20
CA ARG A 123 9.43 -5.54 2.21
C ARG A 123 9.56 -4.89 3.59
N PRO A 124 9.28 -5.65 4.67
CA PRO A 124 9.56 -5.16 6.03
C PRO A 124 11.05 -4.82 6.24
N PRO A 125 11.38 -3.62 6.76
CA PRO A 125 12.77 -3.32 7.13
C PRO A 125 13.30 -4.14 8.31
N TYR A 131 14.95 -9.34 3.11
CA TYR A 131 15.87 -8.20 3.21
C TYR A 131 15.44 -7.08 2.25
N ASN A 132 15.32 -5.86 2.77
CA ASN A 132 14.92 -4.69 1.99
C ASN A 132 16.18 -3.93 1.52
N PRO A 133 16.47 -3.97 0.19
CA PRO A 133 17.67 -3.32 -0.34
C PRO A 133 17.58 -1.81 -0.57
N SER A 134 16.37 -1.25 -0.53
CA SER A 134 16.15 0.16 -0.88
C SER A 134 16.63 1.13 0.19
N HIS A 135 17.19 2.25 -0.25
CA HIS A 135 17.51 3.37 0.63
C HIS A 135 16.28 4.21 0.97
N ASN A 136 15.24 4.10 0.13
CA ASN A 136 13.93 4.72 0.36
C ASN A 136 12.83 3.64 0.47
N PRO A 137 12.60 3.09 1.70
CA PRO A 137 11.53 2.10 1.87
C PRO A 137 10.12 2.71 1.70
N GLU A 138 9.15 1.84 1.39
CA GLU A 138 7.76 2.25 1.18
C GLU A 138 6.81 1.38 2.02
N GLU A 139 5.54 1.80 2.09
CA GLU A 139 4.51 1.13 2.91
C GLU A 139 4.31 -0.32 2.46
N GLN A 140 4.14 -1.22 3.44
CA GLN A 140 3.93 -2.64 3.17
C GLN A 140 2.62 -2.85 2.40
N LEU A 141 2.61 -3.81 1.49
CA LEU A 141 1.43 -4.13 0.69
C LEU A 141 0.60 -5.17 1.42
N SER A 142 -0.72 -4.95 1.46
CA SER A 142 -1.64 -5.89 2.08
C SER A 142 -1.78 -7.17 1.26
N SER A 143 -2.46 -8.15 1.83
CA SER A 143 -2.75 -9.41 1.14
C SER A 143 -3.58 -9.17 -0.12
N LYS A 144 -4.62 -8.35 0.00
CA LYS A 144 -5.48 -7.99 -1.14
C LYS A 144 -4.72 -7.24 -2.24
N ASP A 145 -3.79 -6.37 -1.86
CA ASP A 145 -2.94 -5.66 -2.82
C ASP A 145 -2.10 -6.61 -3.69
N LEU A 146 -1.47 -7.60 -3.05
CA LEU A 146 -0.64 -8.58 -3.76
C LEU A 146 -1.44 -9.42 -4.76
N VAL A 147 -2.62 -9.86 -4.35
CA VAL A 147 -3.49 -10.67 -5.22
C VAL A 147 -4.01 -9.79 -6.36
N SER A 148 -4.42 -8.56 -6.04
CA SER A 148 -4.85 -7.57 -7.06
C SER A 148 -3.78 -7.33 -8.12
N CYS A 149 -2.52 -7.26 -7.70
CA CYS A 149 -1.39 -7.14 -8.64
C CYS A 149 -1.33 -8.32 -9.61
N ALA A 150 -1.49 -9.53 -9.09
CA ALA A 150 -1.51 -10.74 -9.93
C ALA A 150 -2.68 -10.75 -10.93
N TYR A 151 -3.86 -10.35 -10.45
CA TYR A 151 -5.05 -10.21 -11.30
C TYR A 151 -4.82 -9.27 -12.50
N GLN A 152 -4.28 -8.08 -12.23
CA GLN A 152 -4.02 -7.08 -13.27
C GLN A 152 -3.03 -7.57 -14.32
N VAL A 153 -1.95 -8.19 -13.87
CA VAL A 153 -0.95 -8.78 -14.77
C VAL A 153 -1.59 -9.88 -15.63
N ALA A 154 -2.48 -10.67 -15.04
CA ALA A 154 -3.21 -11.72 -15.79
C ALA A 154 -4.18 -11.13 -16.81
N ARG A 155 -4.82 -10.02 -16.46
CA ARG A 155 -5.71 -9.30 -17.39
C ARG A 155 -4.95 -8.80 -18.62
N GLY A 156 -3.79 -8.20 -18.39
CA GLY A 156 -2.93 -7.75 -19.49
C GLY A 156 -2.53 -8.91 -20.41
N MET A 157 -2.09 -10.01 -19.81
CA MET A 157 -1.72 -11.19 -20.58
C MET A 157 -2.92 -11.83 -21.30
N GLU A 158 -4.08 -11.87 -20.64
CA GLU A 158 -5.32 -12.31 -21.30
C GLU A 158 -5.58 -11.48 -22.56
N TYR A 159 -5.42 -10.16 -22.47
CA TYR A 159 -5.59 -9.30 -23.63
C TYR A 159 -4.53 -9.57 -24.71
N LEU A 160 -3.26 -9.62 -24.30
CA LEU A 160 -2.18 -9.93 -25.25
C LEU A 160 -2.39 -11.26 -25.96
N ALA A 161 -2.73 -12.31 -25.19
CA ALA A 161 -3.03 -13.62 -25.75
C ALA A 161 -4.20 -13.57 -26.74
N SER A 162 -5.27 -12.84 -26.38
CA SER A 162 -6.44 -12.71 -27.26
C SER A 162 -6.12 -12.02 -28.60
N LYS A 163 -5.07 -11.19 -28.62
CA LYS A 163 -4.52 -10.63 -29.87
C LYS A 163 -3.31 -11.41 -30.42
N LYS A 164 -3.20 -12.69 -30.05
CA LYS A 164 -2.16 -13.60 -30.55
C LYS A 164 -0.71 -13.10 -30.36
N CYS A 165 -0.49 -12.37 -29.28
CA CYS A 165 0.84 -11.88 -28.93
C CYS A 165 1.45 -12.80 -27.89
N ILE A 166 2.59 -13.41 -28.24
CA ILE A 166 3.37 -14.23 -27.31
C ILE A 166 4.52 -13.39 -26.79
N HIS A 167 4.54 -13.16 -25.47
CA HIS A 167 5.52 -12.30 -24.82
C HIS A 167 6.95 -12.86 -24.86
N ARG A 168 7.12 -14.12 -24.44
CA ARG A 168 8.42 -14.83 -24.42
C ARG A 168 9.39 -14.47 -23.28
N ASP A 169 9.02 -13.54 -22.41
CA ASP A 169 9.86 -13.17 -21.26
C ASP A 169 9.04 -12.42 -20.19
N LEU A 170 7.91 -13.00 -19.82
CA LEU A 170 7.07 -12.45 -18.77
C LEU A 170 7.74 -12.70 -17.43
N ALA A 171 7.83 -11.64 -16.63
CA ALA A 171 8.49 -11.66 -15.32
C ALA A 171 8.17 -10.33 -14.66
N ALA A 172 8.35 -10.26 -13.34
CA ALA A 172 8.05 -9.04 -12.58
C ALA A 172 8.88 -7.84 -13.06
N ARG A 173 10.11 -8.08 -13.50
CA ARG A 173 10.95 -7.03 -14.10
C ARG A 173 10.37 -6.41 -15.40
N ASN A 174 9.57 -7.17 -16.14
CA ASN A 174 8.90 -6.67 -17.35
C ASN A 174 7.41 -6.34 -17.13
N VAL A 175 7.05 -6.00 -15.89
CA VAL A 175 5.79 -5.36 -15.59
C VAL A 175 6.13 -4.04 -14.92
N LEU A 176 5.50 -2.96 -15.37
CA LEU A 176 5.73 -1.64 -14.81
C LEU A 176 4.52 -1.19 -14.01
N VAL A 177 4.76 -0.26 -13.08
CA VAL A 177 3.73 0.23 -12.16
C VAL A 177 3.60 1.76 -12.29
N THR A 178 2.37 2.21 -12.56
CA THR A 178 2.05 3.64 -12.67
C THR A 178 1.98 4.32 -11.31
N GLU A 179 1.79 5.64 -11.33
CA GLU A 179 1.53 6.45 -10.12
C GLU A 179 0.29 5.99 -9.36
N ASP A 180 -0.72 5.51 -10.09
CA ASP A 180 -1.96 4.99 -9.50
C ASP A 180 -1.90 3.48 -9.17
N ASN A 181 -0.70 2.90 -9.15
CA ASN A 181 -0.48 1.47 -8.85
C ASN A 181 -1.21 0.51 -9.81
N VAL A 182 -1.29 0.91 -11.08
CA VAL A 182 -1.84 0.05 -12.13
C VAL A 182 -0.68 -0.75 -12.74
N MET A 183 -0.85 -2.07 -12.80
CA MET A 183 0.17 -2.97 -13.35
C MET A 183 0.07 -2.95 -14.87
N LYS A 184 1.21 -2.77 -15.54
CA LYS A 184 1.26 -2.69 -16.99
C LYS A 184 2.34 -3.61 -17.56
N ILE A 185 1.94 -4.53 -18.43
CA ILE A 185 2.89 -5.44 -19.09
C ILE A 185 3.82 -4.61 -19.97
N ALA A 186 5.11 -4.84 -19.83
CA ALA A 186 6.14 -4.12 -20.60
C ALA A 186 6.81 -5.06 -21.60
N ASP A 187 7.40 -4.46 -22.64
CA ASP A 187 8.25 -5.14 -23.63
C ASP A 187 7.62 -6.41 -24.22
N PHE A 188 6.44 -6.24 -24.78
CA PHE A 188 5.62 -7.33 -25.31
C PHE A 188 5.61 -7.43 -26.84
N GLY A 189 6.19 -6.44 -27.52
CA GLY A 189 6.18 -6.41 -28.99
C GLY A 189 7.53 -6.72 -29.63
N LEU A 190 8.30 -7.59 -28.98
CA LEU A 190 9.66 -7.92 -29.42
C LEU A 190 9.67 -9.28 -30.09
N LEU A 208 19.82 -14.76 -16.17
CA LEU A 208 18.51 -14.48 -15.60
C LEU A 208 17.36 -15.22 -16.31
N PRO A 209 17.07 -14.89 -17.59
CA PRO A 209 15.77 -15.20 -18.21
C PRO A 209 15.34 -16.68 -18.21
N VAL A 210 16.31 -17.60 -18.24
CA VAL A 210 16.02 -19.05 -18.27
C VAL A 210 15.11 -19.55 -17.13
N LYS A 211 15.19 -18.89 -15.97
CA LYS A 211 14.41 -19.29 -14.79
C LYS A 211 12.92 -18.97 -14.88
N TRP A 212 12.52 -18.20 -15.90
CA TRP A 212 11.12 -17.91 -16.21
C TRP A 212 10.58 -18.71 -17.39
N MET A 213 11.47 -19.44 -18.10
CA MET A 213 11.10 -20.20 -19.28
C MET A 213 10.50 -21.55 -18.92
N ALA A 214 9.46 -21.93 -19.68
CA ALA A 214 8.91 -23.28 -19.63
C ALA A 214 9.93 -24.27 -20.20
N PRO A 215 9.90 -25.55 -19.75
CA PRO A 215 10.87 -26.55 -20.23
C PRO A 215 10.98 -26.62 -21.75
N GLU A 216 9.84 -26.65 -22.43
CA GLU A 216 9.79 -26.71 -23.90
C GLU A 216 10.36 -25.46 -24.60
N ALA A 217 10.29 -24.30 -23.94
CA ALA A 217 10.94 -23.08 -24.43
C ALA A 217 12.45 -23.13 -24.16
N LEU A 218 12.80 -23.55 -22.95
CA LEU A 218 14.19 -23.70 -22.52
C LEU A 218 14.97 -24.76 -23.30
N PHE A 219 14.29 -25.87 -23.62
CA PHE A 219 14.93 -27.01 -24.31
C PHE A 219 14.82 -26.94 -25.83
N ASP A 220 13.62 -26.66 -26.34
CA ASP A 220 13.31 -26.75 -27.77
C ASP A 220 13.01 -25.42 -28.47
N ARG A 221 13.12 -24.30 -27.76
CA ARG A 221 12.82 -22.96 -28.31
C ARG A 221 11.37 -22.79 -28.81
N ILE A 222 10.44 -23.56 -28.23
CA ILE A 222 9.03 -23.53 -28.61
C ILE A 222 8.32 -22.59 -27.65
N TYR A 223 8.05 -21.37 -28.10
CA TYR A 223 7.30 -20.39 -27.32
C TYR A 223 5.85 -20.39 -27.77
N THR A 224 4.93 -20.42 -26.80
CA THR A 224 3.50 -20.43 -27.03
C THR A 224 2.83 -19.58 -25.96
N HIS A 225 1.50 -19.47 -26.02
CA HIS A 225 0.73 -18.86 -24.93
C HIS A 225 0.86 -19.68 -23.64
N GLN A 226 1.00 -21.00 -23.78
CA GLN A 226 1.17 -21.89 -22.63
C GLN A 226 2.54 -21.73 -21.96
N SER A 227 3.58 -21.43 -22.73
CA SER A 227 4.90 -21.12 -22.16
C SER A 227 4.91 -19.78 -21.42
N ASP A 228 4.09 -18.83 -21.88
CA ASP A 228 3.84 -17.60 -21.12
C ASP A 228 3.11 -17.89 -19.80
N VAL A 229 2.15 -18.82 -19.83
CA VAL A 229 1.45 -19.24 -18.61
C VAL A 229 2.42 -19.82 -17.57
N TRP A 230 3.38 -20.63 -18.01
CA TRP A 230 4.44 -21.10 -17.11
C TRP A 230 5.15 -19.90 -16.49
N SER A 231 5.56 -18.96 -17.34
CA SER A 231 6.24 -17.74 -16.87
C SER A 231 5.41 -16.98 -15.85
N PHE A 232 4.10 -16.85 -16.10
CA PHE A 232 3.20 -16.20 -15.13
C PHE A 232 3.22 -16.87 -13.75
N GLY A 233 3.37 -18.20 -13.71
CA GLY A 233 3.53 -18.93 -12.46
C GLY A 233 4.77 -18.54 -11.66
N VAL A 234 5.88 -18.33 -12.37
CA VAL A 234 7.11 -17.82 -11.75
C VAL A 234 6.90 -16.38 -11.27
N LEU A 235 6.15 -15.59 -12.05
CA LEU A 235 5.78 -14.21 -11.67
C LEU A 235 4.89 -14.17 -10.44
N LEU A 236 3.93 -15.11 -10.34
CA LEU A 236 3.15 -15.29 -9.11
C LEU A 236 4.03 -15.56 -7.89
N TRP A 237 5.03 -16.44 -8.05
CA TRP A 237 5.98 -16.73 -6.98
C TRP A 237 6.85 -15.51 -6.62
N GLU A 238 7.19 -14.69 -7.61
CA GLU A 238 7.84 -13.39 -7.36
C GLU A 238 6.96 -12.47 -6.53
N ILE A 239 5.66 -12.41 -6.85
CA ILE A 239 4.74 -11.55 -6.12
C ILE A 239 4.68 -11.91 -4.63
N PHE A 240 4.46 -13.19 -4.32
CA PHE A 240 4.25 -13.60 -2.93
C PHE A 240 5.55 -13.88 -2.16
N THR A 241 6.70 -13.78 -2.82
CA THR A 241 8.01 -13.64 -2.15
C THR A 241 8.49 -12.17 -2.08
N LEU A 242 7.61 -11.22 -2.45
CA LEU A 242 7.95 -9.79 -2.53
C LEU A 242 9.20 -9.49 -3.36
N GLY A 243 9.25 -10.09 -4.55
CA GLY A 243 10.35 -9.90 -5.49
C GLY A 243 11.55 -10.81 -5.23
N GLY A 244 11.29 -12.06 -4.85
CA GLY A 244 12.35 -13.03 -4.59
C GLY A 244 12.98 -13.56 -5.87
N SER A 245 14.25 -13.96 -5.76
CA SER A 245 14.94 -14.62 -6.87
C SER A 245 14.51 -16.09 -6.94
N PRO A 246 13.94 -16.53 -8.09
CA PRO A 246 13.51 -17.93 -8.20
C PRO A 246 14.68 -18.90 -8.34
N TYR A 247 14.51 -20.11 -7.82
CA TYR A 247 15.55 -21.14 -7.82
C TYR A 247 16.87 -20.59 -7.27
N PRO A 248 16.85 -20.02 -6.04
CA PRO A 248 18.03 -19.33 -5.52
C PRO A 248 19.21 -20.27 -5.31
N GLY A 249 20.37 -19.89 -5.86
CA GLY A 249 21.57 -20.73 -5.83
C GLY A 249 21.63 -21.90 -6.80
N VAL A 250 20.63 -22.03 -7.68
CA VAL A 250 20.58 -23.12 -8.66
C VAL A 250 21.26 -22.64 -9.95
N PRO A 251 22.31 -23.35 -10.42
CA PRO A 251 22.93 -22.97 -11.70
C PRO A 251 22.02 -23.21 -12.90
N VAL A 252 22.33 -22.57 -14.03
CA VAL A 252 21.55 -22.71 -15.26
C VAL A 252 21.62 -24.14 -15.80
N GLU A 253 22.82 -24.73 -15.77
CA GLU A 253 23.04 -26.12 -16.21
C GLU A 253 22.20 -27.14 -15.44
N GLU A 254 22.01 -26.92 -14.14
CA GLU A 254 21.23 -27.82 -13.29
C GLU A 254 19.71 -27.73 -13.48
N LEU A 255 19.20 -26.55 -13.86
CA LEU A 255 17.75 -26.27 -13.85
C LEU A 255 16.93 -27.15 -14.80
N PHE A 256 17.35 -27.23 -16.07
CA PHE A 256 16.63 -28.00 -17.09
C PHE A 256 16.55 -29.49 -16.77
N LYS A 257 17.59 -30.04 -16.14
CA LYS A 257 17.57 -31.41 -15.62
C LYS A 257 16.57 -31.54 -14.46
N LEU A 258 16.68 -30.63 -13.49
CA LEU A 258 15.82 -30.62 -12.30
C LEU A 258 14.33 -30.43 -12.62
N LEU A 259 14.02 -29.65 -13.65
CA LEU A 259 12.63 -29.50 -14.10
C LEU A 259 12.10 -30.78 -14.75
N LYS A 260 12.94 -31.47 -15.51
CA LYS A 260 12.59 -32.80 -16.07
C LYS A 260 12.33 -33.84 -14.97
N GLU A 261 13.15 -33.80 -13.91
CA GLU A 261 12.94 -34.65 -12.72
C GLU A 261 11.67 -34.32 -11.91
N GLY A 262 11.04 -33.18 -12.20
CA GLY A 262 9.77 -32.79 -11.58
C GLY A 262 9.92 -31.86 -10.40
N HIS A 263 11.05 -31.16 -10.30
CA HIS A 263 11.24 -30.17 -9.24
C HIS A 263 10.44 -28.91 -9.54
N ARG A 264 9.70 -28.44 -8.54
CA ARG A 264 9.03 -27.16 -8.56
C ARG A 264 9.45 -26.37 -7.33
N MET A 265 9.41 -25.05 -7.44
CA MET A 265 9.72 -24.19 -6.30
C MET A 265 8.71 -24.44 -5.18
N ASP A 266 9.21 -24.39 -3.94
CA ASP A 266 8.38 -24.57 -2.75
C ASP A 266 7.49 -23.35 -2.57
N LYS A 267 6.43 -23.53 -1.79
CA LYS A 267 5.51 -22.45 -1.50
C LYS A 267 6.25 -21.33 -0.77
N PRO A 268 6.01 -20.05 -1.15
CA PRO A 268 6.53 -18.95 -0.33
C PRO A 268 5.95 -18.99 1.09
N SER A 269 6.74 -18.56 2.06
CA SER A 269 6.34 -18.62 3.47
C SER A 269 5.00 -17.93 3.74
N ASN A 270 4.76 -16.80 3.07
CA ASN A 270 3.57 -15.97 3.26
C ASN A 270 2.63 -16.09 2.05
N CYS A 271 2.24 -17.32 1.73
CA CYS A 271 1.35 -17.61 0.60
C CYS A 271 0.34 -18.70 0.96
N THR A 272 -0.89 -18.55 0.47
CA THR A 272 -1.94 -19.54 0.70
C THR A 272 -1.69 -20.79 -0.14
N ASN A 273 -2.31 -21.89 0.26
CA ASN A 273 -2.21 -23.14 -0.51
C ASN A 273 -2.90 -23.00 -1.87
N GLU A 274 -4.02 -22.28 -1.90
CA GLU A 274 -4.76 -22.01 -3.16
C GLU A 274 -3.87 -21.35 -4.21
N LEU A 275 -3.23 -20.25 -3.82
CA LEU A 275 -2.33 -19.52 -4.72
C LEU A 275 -1.08 -20.31 -5.10
N TYR A 276 -0.61 -21.18 -4.20
CA TYR A 276 0.48 -22.09 -4.52
C TYR A 276 0.05 -23.14 -5.54
N MET A 277 -1.19 -23.64 -5.41
CA MET A 277 -1.76 -24.59 -6.38
C MET A 277 -1.85 -23.96 -7.77
N MET A 278 -2.22 -22.68 -7.82
CA MET A 278 -2.26 -21.95 -9.10
C MET A 278 -0.89 -21.89 -9.76
N MET A 279 0.16 -21.59 -8.99
CA MET A 279 1.54 -21.64 -9.51
C MET A 279 1.87 -23.02 -10.03
N ARG A 280 1.52 -24.05 -9.25
CA ARG A 280 1.78 -25.44 -9.65
C ARG A 280 1.05 -25.83 -10.93
N ASP A 281 -0.18 -25.36 -11.10
CA ASP A 281 -0.94 -25.57 -12.33
C ASP A 281 -0.31 -24.87 -13.55
N CYS A 282 0.24 -23.67 -13.32
CA CYS A 282 1.02 -22.97 -14.35
C CYS A 282 2.28 -23.74 -14.73
N TRP A 283 2.89 -24.43 -13.75
CA TRP A 283 4.10 -25.22 -13.98
C TRP A 283 3.85 -26.70 -14.32
N HIS A 284 2.82 -26.97 -15.11
CA HIS A 284 2.53 -28.33 -15.58
C HIS A 284 3.52 -28.67 -16.70
N ALA A 285 4.18 -29.82 -16.59
CA ALA A 285 5.14 -30.26 -17.63
C ALA A 285 4.47 -30.36 -19.00
N VAL A 286 3.27 -30.93 -19.05
CA VAL A 286 2.51 -31.01 -20.29
C VAL A 286 1.85 -29.64 -20.53
N PRO A 287 2.26 -28.92 -21.59
CA PRO A 287 1.75 -27.55 -21.84
C PRO A 287 0.22 -27.38 -21.96
N SER A 288 -0.45 -28.37 -22.56
CA SER A 288 -1.90 -28.34 -22.75
C SER A 288 -2.71 -28.44 -21.43
N GLN A 289 -2.02 -28.90 -20.36
CA GLN A 289 -2.64 -29.05 -19.05
C GLN A 289 -2.52 -27.82 -18.17
N ARG A 290 -1.78 -26.82 -18.63
CA ARG A 290 -1.73 -25.53 -17.96
C ARG A 290 -3.05 -24.79 -18.19
N PRO A 291 -3.49 -23.99 -17.19
CA PRO A 291 -4.64 -23.12 -17.41
C PRO A 291 -4.34 -22.01 -18.42
N THR A 292 -5.37 -21.46 -19.03
CA THR A 292 -5.25 -20.27 -19.88
C THR A 292 -5.24 -19.03 -19.00
N PHE A 293 -4.81 -17.92 -19.59
CA PHE A 293 -4.96 -16.60 -18.96
C PHE A 293 -6.42 -16.25 -18.73
N LYS A 294 -7.30 -16.65 -19.65
CA LYS A 294 -8.75 -16.48 -19.46
C LYS A 294 -9.24 -17.09 -18.14
N GLN A 295 -8.83 -18.33 -17.88
N GLN A 295 -8.83 -18.33 -17.88
CA GLN A 295 -9.21 -19.04 -16.66
CA GLN A 295 -9.21 -19.03 -16.66
C GLN A 295 -8.50 -18.47 -15.42
C GLN A 295 -8.49 -18.49 -15.42
N LEU A 296 -7.22 -18.13 -15.57
CA LEU A 296 -6.43 -17.52 -14.47
C LEU A 296 -7.03 -16.18 -14.00
N VAL A 297 -7.52 -15.38 -14.96
CA VAL A 297 -8.24 -14.14 -14.64
C VAL A 297 -9.50 -14.41 -13.83
N GLU A 298 -10.26 -15.44 -14.22
CA GLU A 298 -11.47 -15.84 -13.49
C GLU A 298 -11.16 -16.35 -12.08
N ASP A 299 -10.14 -17.19 -11.95
CA ASP A 299 -9.73 -17.72 -10.65
C ASP A 299 -9.24 -16.59 -9.74
N LEU A 300 -8.40 -15.70 -10.28
CA LEU A 300 -7.88 -14.56 -9.51
C LEU A 300 -8.95 -13.56 -9.13
N ASP A 301 -9.97 -13.40 -9.99
CA ASP A 301 -11.14 -12.55 -9.67
C ASP A 301 -11.87 -13.03 -8.40
N ARG A 302 -12.09 -14.34 -8.33
CA ARG A 302 -12.73 -14.98 -7.16
C ARG A 302 -11.88 -14.83 -5.89
N ILE A 303 -10.56 -15.01 -6.02
CA ILE A 303 -9.64 -14.97 -4.86
C ILE A 303 -9.50 -13.55 -4.29
N VAL A 304 -9.48 -12.55 -5.17
CA VAL A 304 -9.43 -11.14 -4.75
C VAL A 304 -10.66 -10.76 -3.91
N ALA A 305 -11.84 -11.23 -4.30
CA ALA A 305 -13.07 -11.01 -3.56
C ALA A 305 -13.05 -11.71 -2.18
N LEU A 306 -12.57 -12.95 -2.16
CA LEU A 306 -12.48 -13.73 -0.92
C LEU A 306 -11.35 -13.28 0.02
N THR A 307 -10.31 -12.65 -0.53
CA THR A 307 -9.23 -12.06 0.28
C THR A 307 -9.67 -10.71 0.84
N SER A 308 -9.42 -10.49 2.14
CA SER A 308 -9.77 -9.25 2.83
C SER A 308 -8.61 -8.23 2.81
N ASN A 309 -8.96 -6.96 2.98
CA ASN A 309 -7.98 -5.88 3.16
C ASN A 309 -7.40 -5.86 4.59
N GLN A 310 -8.14 -6.39 5.57
CA GLN A 310 -7.68 -6.52 6.95
C GLN A 310 -6.44 -7.41 7.12
N GLU A 311 -6.23 -8.35 6.20
CA GLU A 311 -5.00 -9.14 6.13
C GLU A 311 -3.87 -8.31 5.51
N GLU B 10 6.10 29.67 -0.32
CA GLU B 10 4.68 29.40 -0.71
C GLU B 10 4.32 27.90 -0.66
N LEU B 11 3.44 27.53 0.28
CA LEU B 11 2.84 26.19 0.31
C LEU B 11 1.59 26.19 -0.60
N PRO B 12 1.20 25.01 -1.12
CA PRO B 12 0.09 24.94 -2.08
C PRO B 12 -1.29 25.17 -1.43
N GLU B 13 -2.24 25.68 -2.23
CA GLU B 13 -3.58 26.07 -1.75
C GLU B 13 -4.61 24.93 -1.86
N ASP B 14 -5.64 24.99 -1.01
CA ASP B 14 -6.76 24.05 -1.03
C ASP B 14 -7.99 24.71 -0.37
N PRO B 15 -8.86 25.37 -1.18
CA PRO B 15 -10.04 26.12 -0.70
C PRO B 15 -11.00 25.39 0.24
N ARG B 16 -11.27 24.11 0.00
CA ARG B 16 -12.21 23.32 0.81
C ARG B 16 -11.91 23.29 2.32
N TRP B 17 -10.63 23.31 2.68
CA TRP B 17 -10.17 23.29 4.08
C TRP B 17 -9.61 24.62 4.59
N GLU B 18 -9.38 25.58 3.70
CA GLU B 18 -8.73 26.83 4.04
C GLU B 18 -9.60 27.68 4.97
N LEU B 19 -9.03 28.05 6.12
CA LEU B 19 -9.63 29.02 7.03
C LEU B 19 -8.78 30.29 7.00
N PRO B 20 -9.43 31.47 6.89
CA PRO B 20 -8.70 32.72 7.07
C PRO B 20 -8.11 32.85 8.48
N ARG B 21 -6.91 33.43 8.57
CA ARG B 21 -6.20 33.60 9.84
C ARG B 21 -6.95 34.49 10.84
N ASP B 22 -7.64 35.51 10.33
CA ASP B 22 -8.43 36.42 11.19
C ASP B 22 -9.60 35.73 11.93
N ARG B 23 -10.02 34.55 11.46
CA ARG B 23 -11.05 33.76 12.15
C ARG B 23 -10.45 32.63 13.03
N LEU B 24 -9.22 32.85 13.53
CA LEU B 24 -8.52 31.88 14.37
C LEU B 24 -7.63 32.61 15.39
N VAL B 25 -7.91 32.42 16.68
CA VAL B 25 -7.16 33.04 17.77
C VAL B 25 -6.42 31.94 18.55
N LEU B 26 -5.09 31.98 18.54
CA LEU B 26 -4.28 30.97 19.23
C LEU B 26 -4.24 31.22 20.74
N GLY B 27 -4.44 30.15 21.51
CA GLY B 27 -4.45 30.20 22.97
C GLY B 27 -3.30 29.41 23.58
N LYS B 28 -3.58 28.74 24.70
CA LYS B 28 -2.53 28.09 25.51
C LYS B 28 -1.98 26.83 24.84
N PRO B 29 -0.73 26.45 25.17
CA PRO B 29 -0.09 25.28 24.57
C PRO B 29 -0.62 23.96 25.14
N LEU B 30 -0.73 22.93 24.28
CA LEU B 30 -1.23 21.60 24.67
C LEU B 30 -0.15 20.52 24.73
N GLY B 31 0.87 20.61 23.88
CA GLY B 31 2.00 19.68 23.93
C GLY B 31 3.06 19.90 22.86
N GLU B 32 3.93 18.90 22.69
CA GLU B 32 4.97 18.89 21.66
C GLU B 32 5.18 17.46 21.13
N PHE B 35 8.04 16.48 15.42
CA PHE B 35 6.91 16.71 14.52
C PHE B 35 6.51 18.18 14.47
N GLY B 36 6.35 18.80 15.64
CA GLY B 36 5.97 20.21 15.73
C GLY B 36 5.65 20.71 17.14
N GLN B 37 4.58 21.50 17.22
CA GLN B 37 4.08 22.08 18.45
C GLN B 37 2.57 22.16 18.34
N VAL B 38 1.86 21.95 19.45
CA VAL B 38 0.40 21.95 19.45
C VAL B 38 -0.12 23.00 20.42
N VAL B 39 -1.14 23.75 20.00
CA VAL B 39 -1.76 24.78 20.83
C VAL B 39 -3.27 24.70 20.79
N LEU B 40 -3.91 25.14 21.88
CA LEU B 40 -5.35 25.33 21.93
C LEU B 40 -5.67 26.61 21.17
N ALA B 41 -6.88 26.69 20.61
CA ALA B 41 -7.31 27.86 19.86
C ALA B 41 -8.83 27.91 19.76
N GLU B 42 -9.36 29.11 19.51
CA GLU B 42 -10.77 29.29 19.18
C GLU B 42 -10.84 29.58 17.69
N ALA B 43 -11.92 29.12 17.04
CA ALA B 43 -12.09 29.27 15.60
C ALA B 43 -13.55 29.57 15.26
N ILE B 44 -13.74 30.50 14.31
CA ILE B 44 -15.07 30.97 13.93
C ILE B 44 -15.51 30.37 12.58
N GLY B 45 -16.46 29.44 12.65
CA GLY B 45 -17.22 29.01 11.47
C GLY B 45 -16.70 27.77 10.77
N LEU B 46 -16.27 26.78 11.53
CA LEU B 46 -15.80 25.50 10.99
C LEU B 46 -16.97 24.53 10.81
N LYS B 50 -23.35 25.45 12.32
CA LYS B 50 -23.01 26.56 13.21
C LYS B 50 -21.86 27.43 12.64
N PRO B 51 -22.15 28.19 11.57
CA PRO B 51 -21.12 29.01 10.89
C PRO B 51 -20.73 30.34 11.55
N ASN B 52 -21.30 30.65 12.71
CA ASN B 52 -20.85 31.76 13.56
C ASN B 52 -20.36 31.25 14.94
N ARG B 53 -20.24 29.93 15.09
CA ARG B 53 -19.90 29.33 16.39
C ARG B 53 -18.41 29.49 16.69
N VAL B 54 -18.10 29.83 17.95
CA VAL B 54 -16.72 29.92 18.43
C VAL B 54 -16.33 28.55 19.00
N THR B 55 -15.90 27.66 18.11
CA THR B 55 -15.49 26.31 18.49
C THR B 55 -14.06 26.33 19.02
N LYS B 56 -13.84 25.69 20.17
CA LYS B 56 -12.49 25.44 20.69
C LYS B 56 -11.87 24.32 19.85
N VAL B 57 -10.58 24.46 19.50
CA VAL B 57 -9.88 23.54 18.60
C VAL B 57 -8.41 23.36 18.96
N ALA B 58 -7.80 22.30 18.41
CA ALA B 58 -6.38 22.06 18.53
C ALA B 58 -5.70 22.42 17.22
N VAL B 59 -4.52 23.04 17.32
CA VAL B 59 -3.79 23.50 16.15
C VAL B 59 -2.36 22.98 16.25
N LYS B 60 -1.89 22.34 15.18
CA LYS B 60 -0.50 21.89 15.10
C LYS B 60 0.29 22.83 14.19
N MET B 61 1.48 23.22 14.63
CA MET B 61 2.37 24.05 13.82
C MET B 61 3.82 23.59 13.99
N LEU B 62 4.69 24.09 13.12
CA LEU B 62 6.11 23.89 13.26
C LEU B 62 6.69 24.82 14.30
N LYS B 63 7.71 24.34 15.03
CA LYS B 63 8.49 25.19 15.93
C LYS B 63 9.49 25.99 15.12
N SER B 64 10.11 26.99 15.73
CA SER B 64 11.04 27.89 15.04
C SER B 64 12.32 27.20 14.53
N ASP B 65 12.69 26.08 15.17
CA ASP B 65 13.87 25.29 14.78
C ASP B 65 13.66 24.31 13.61
N ALA B 66 12.41 24.16 13.13
CA ALA B 66 12.07 23.17 12.10
C ALA B 66 12.77 23.39 10.78
N THR B 67 12.88 22.31 10.00
CA THR B 67 13.48 22.34 8.66
C THR B 67 12.39 22.15 7.60
N GLU B 68 12.78 22.25 6.34
CA GLU B 68 11.91 21.97 5.19
C GLU B 68 11.35 20.54 5.22
N LYS B 69 12.13 19.58 5.70
CA LYS B 69 11.68 18.18 5.87
C LYS B 69 10.53 18.05 6.88
N ASP B 70 10.63 18.76 8.01
CA ASP B 70 9.55 18.79 9.01
C ASP B 70 8.26 19.36 8.43
N LEU B 71 8.39 20.40 7.60
CA LEU B 71 7.25 21.04 6.94
C LEU B 71 6.55 20.11 5.96
N SER B 72 7.33 19.42 5.13
CA SER B 72 6.79 18.42 4.20
C SER B 72 6.11 17.26 4.94
N ASP B 73 6.66 16.88 6.10
CA ASP B 73 6.06 15.87 6.97
C ASP B 73 4.74 16.32 7.58
N LEU B 74 4.66 17.56 8.04
CA LEU B 74 3.41 18.10 8.61
C LEU B 74 2.34 18.26 7.53
N ILE B 75 2.77 18.64 6.32
CA ILE B 75 1.87 18.73 5.17
C ILE B 75 1.27 17.35 4.85
N SER B 76 2.12 16.34 4.64
CA SER B 76 1.63 14.97 4.36
C SER B 76 0.75 14.41 5.47
N GLU B 77 1.11 14.70 6.73
CA GLU B 77 0.25 14.38 7.87
C GLU B 77 -1.14 15.01 7.72
N MET B 78 -1.19 16.28 7.32
CA MET B 78 -2.47 16.94 7.02
C MET B 78 -3.18 16.27 5.83
N GLU B 79 -2.43 15.98 4.76
CA GLU B 79 -3.00 15.35 3.56
C GLU B 79 -3.55 13.95 3.86
N MET B 80 -2.83 13.19 4.69
CA MET B 80 -3.28 11.85 5.11
C MET B 80 -4.63 11.91 5.82
N MET B 81 -4.85 12.94 6.63
CA MET B 81 -6.13 13.12 7.32
C MET B 81 -7.30 13.47 6.39
N LYS B 82 -7.01 14.20 5.32
CA LYS B 82 -8.02 14.48 4.27
C LYS B 82 -8.43 13.21 3.53
N MET B 83 -7.46 12.35 3.22
CA MET B 83 -7.71 11.09 2.52
C MET B 83 -8.47 10.08 3.38
N ILE B 84 -8.13 9.99 4.66
CA ILE B 84 -8.79 9.10 5.62
C ILE B 84 -10.25 9.48 5.87
N GLY B 85 -10.55 10.77 5.86
CA GLY B 85 -11.93 11.25 6.05
C GLY B 85 -12.34 11.26 7.51
N LYS B 86 -13.60 11.67 7.73
CA LYS B 86 -14.13 11.95 9.07
C LYS B 86 -14.84 10.76 9.73
N HIS B 87 -14.60 10.59 11.02
CA HIS B 87 -15.36 9.64 11.86
C HIS B 87 -15.41 10.13 13.30
N LYS B 88 -16.55 9.94 13.95
CA LYS B 88 -16.81 10.45 15.30
C LYS B 88 -15.75 10.05 16.34
N ASN B 89 -15.19 8.85 16.22
CA ASN B 89 -14.19 8.33 17.16
C ASN B 89 -12.75 8.37 16.66
N ILE B 90 -12.43 9.34 15.79
CA ILE B 90 -11.02 9.74 15.54
C ILE B 90 -10.90 11.25 15.66
N ILE B 91 -9.69 11.73 15.93
CA ILE B 91 -9.41 13.17 15.91
C ILE B 91 -9.48 13.61 14.44
N ASN B 92 -10.50 14.39 14.11
CA ASN B 92 -10.77 14.80 12.72
C ASN B 92 -10.11 16.11 12.34
N LEU B 93 -9.74 16.22 11.06
CA LEU B 93 -9.30 17.48 10.47
C LEU B 93 -10.53 18.39 10.33
N LEU B 94 -10.38 19.64 10.75
CA LEU B 94 -11.43 20.65 10.64
C LEU B 94 -11.08 21.76 9.63
N GLY B 95 -9.81 22.12 9.53
CA GLY B 95 -9.36 23.11 8.57
C GLY B 95 -7.85 23.32 8.60
N ALA B 96 -7.40 24.34 7.86
CA ALA B 96 -5.98 24.70 7.84
C ALA B 96 -5.74 26.14 7.35
N CYS B 97 -4.65 26.72 7.84
CA CYS B 97 -4.13 27.98 7.31
C CYS B 97 -2.81 27.65 6.65
N THR B 98 -2.77 27.72 5.31
CA THR B 98 -1.61 27.33 4.51
C THR B 98 -0.87 28.51 3.84
N GLN B 99 -1.52 29.67 3.73
CA GLN B 99 -1.02 30.77 2.89
C GLN B 99 -0.55 31.97 3.71
N ASP B 100 0.55 32.59 3.26
CA ASP B 100 1.05 33.87 3.78
C ASP B 100 1.29 33.85 5.30
N GLY B 101 2.08 32.88 5.74
CA GLY B 101 2.33 32.67 7.17
C GLY B 101 2.52 31.20 7.51
N PRO B 102 2.73 30.88 8.80
CA PRO B 102 3.02 29.50 9.22
C PRO B 102 1.88 28.54 8.96
N LEU B 103 2.24 27.28 8.68
CA LEU B 103 1.24 26.23 8.50
C LEU B 103 0.56 25.93 9.82
N TYR B 104 -0.77 26.01 9.84
CA TYR B 104 -1.59 25.61 10.96
C TYR B 104 -2.49 24.49 10.47
N VAL B 105 -2.41 23.33 11.11
CA VAL B 105 -3.30 22.21 10.85
C VAL B 105 -4.27 22.18 12.02
N ILE B 106 -5.56 22.41 11.72
CA ILE B 106 -6.58 22.61 12.74
C ILE B 106 -7.39 21.32 12.86
N VAL B 107 -7.43 20.74 14.06
CA VAL B 107 -8.17 19.50 14.32
C VAL B 107 -9.09 19.67 15.54
N GLU B 108 -9.86 18.63 15.83
CA GLU B 108 -10.77 18.62 16.97
C GLU B 108 -10.02 18.64 18.29
N TYR B 109 -10.57 19.37 19.26
CA TYR B 109 -10.02 19.46 20.61
C TYR B 109 -10.71 18.45 21.51
N ALA B 110 -9.92 17.82 22.38
CA ALA B 110 -10.38 16.86 23.38
C ALA B 110 -10.02 17.39 24.77
N SER B 111 -10.98 17.98 25.46
CA SER B 111 -10.72 18.71 26.72
C SER B 111 -10.22 17.85 27.88
N LYS B 112 -10.67 16.58 27.95
CA LYS B 112 -10.36 15.71 29.10
C LYS B 112 -9.10 14.85 28.95
N GLY B 113 -8.25 15.16 27.97
CA GLY B 113 -6.92 14.54 27.86
C GLY B 113 -6.94 13.10 27.39
N ASN B 114 -5.80 12.42 27.53
CA ASN B 114 -5.67 11.03 27.07
C ASN B 114 -6.46 10.04 27.96
N LEU B 115 -6.76 8.87 27.41
CA LEU B 115 -7.60 7.86 28.11
C LEU B 115 -6.96 7.32 29.38
N ARG B 116 -5.64 7.13 29.38
CA ARG B 116 -4.94 6.65 30.58
C ARG B 116 -5.16 7.59 31.79
N GLU B 117 -4.92 8.88 31.59
CA GLU B 117 -5.10 9.89 32.65
C GLU B 117 -6.58 10.05 33.03
N TYR B 118 -7.46 9.95 32.05
CA TYR B 118 -8.91 9.96 32.26
C TYR B 118 -9.35 8.84 33.22
N LEU B 119 -8.87 7.62 32.96
CA LEU B 119 -9.19 6.45 33.80
C LEU B 119 -8.57 6.51 35.20
N GLN B 120 -7.31 6.94 35.29
CA GLN B 120 -6.60 7.06 36.58
C GLN B 120 -7.21 8.10 37.52
N ALA B 121 -7.74 9.18 36.94
CA ALA B 121 -8.40 10.24 37.72
C ALA B 121 -9.78 9.84 38.26
N ARG B 122 -10.38 8.77 37.73
CA ARG B 122 -11.72 8.32 38.10
C ARG B 122 -11.72 6.87 38.59
N ARG B 123 -10.85 6.59 39.57
CA ARG B 123 -10.77 5.27 40.20
C ARG B 123 -11.67 5.21 41.45
N PRO B 124 -12.30 4.05 41.72
CA PRO B 124 -13.11 3.89 42.95
C PRO B 124 -12.35 4.09 44.27
N GLN B 140 -16.79 8.93 39.15
CA GLN B 140 -16.63 7.49 39.05
C GLN B 140 -17.17 6.95 37.73
N LEU B 141 -16.54 5.89 37.22
CA LEU B 141 -16.89 5.26 35.95
C LEU B 141 -17.55 3.91 36.19
N SER B 142 -18.76 3.72 35.66
CA SER B 142 -19.47 2.44 35.79
C SER B 142 -18.92 1.41 34.81
N SER B 143 -19.35 0.17 34.99
CA SER B 143 -18.97 -0.93 34.09
C SER B 143 -19.45 -0.70 32.65
N LYS B 144 -20.65 -0.13 32.49
CA LYS B 144 -21.17 0.23 31.17
C LYS B 144 -20.33 1.31 30.49
N ASP B 145 -19.85 2.28 31.27
CA ASP B 145 -18.99 3.36 30.75
C ASP B 145 -17.64 2.82 30.25
N LEU B 146 -17.06 1.89 31.00
CA LEU B 146 -15.79 1.26 30.61
C LEU B 146 -15.93 0.43 29.34
N VAL B 147 -17.05 -0.29 29.23
CA VAL B 147 -17.34 -1.11 28.05
C VAL B 147 -17.70 -0.21 26.85
N SER B 148 -18.48 0.83 27.09
CA SER B 148 -18.79 1.84 26.05
C SER B 148 -17.52 2.51 25.52
N CYS B 149 -16.58 2.78 26.42
CA CYS B 149 -15.26 3.32 26.06
C CYS B 149 -14.49 2.38 25.11
N ALA B 150 -14.48 1.09 25.43
CA ALA B 150 -13.84 0.06 24.60
C ALA B 150 -14.49 -0.06 23.24
N TYR B 151 -15.82 -0.01 23.21
CA TYR B 151 -16.60 -0.03 21.97
C TYR B 151 -16.28 1.16 21.05
N GLN B 152 -16.12 2.35 21.63
CA GLN B 152 -15.83 3.56 20.86
C GLN B 152 -14.43 3.52 20.23
N VAL B 153 -13.44 3.06 20.98
CA VAL B 153 -12.08 2.88 20.45
C VAL B 153 -12.09 1.85 19.32
N ALA B 154 -12.86 0.77 19.49
CA ALA B 154 -13.01 -0.26 18.46
C ALA B 154 -13.71 0.26 17.20
N ARG B 155 -14.75 1.07 17.40
CA ARG B 155 -15.45 1.75 16.30
C ARG B 155 -14.50 2.65 15.52
N GLY B 156 -13.72 3.44 16.24
CA GLY B 156 -12.68 4.28 15.63
C GLY B 156 -11.69 3.49 14.79
N MET B 157 -11.25 2.35 15.32
CA MET B 157 -10.26 1.51 14.63
C MET B 157 -10.84 0.71 13.47
N GLU B 158 -12.10 0.29 13.57
CA GLU B 158 -12.82 -0.29 12.44
C GLU B 158 -12.83 0.68 11.26
N TYR B 159 -13.16 1.94 11.53
CA TYR B 159 -13.16 2.97 10.48
C TYR B 159 -11.76 3.12 9.87
N LEU B 160 -10.74 3.26 10.71
CA LEU B 160 -9.37 3.43 10.22
C LEU B 160 -8.90 2.22 9.40
N ALA B 161 -9.27 1.01 9.82
CA ALA B 161 -9.00 -0.20 9.06
C ALA B 161 -9.66 -0.19 7.67
N SER B 162 -10.92 0.23 7.63
CA SER B 162 -11.67 0.33 6.36
C SER B 162 -11.06 1.36 5.37
N LYS B 163 -10.31 2.34 5.89
CA LYS B 163 -9.54 3.27 5.07
C LYS B 163 -8.07 2.83 4.89
N LYS B 164 -7.76 1.55 5.12
CA LYS B 164 -6.40 1.01 4.98
C LYS B 164 -5.33 1.70 5.83
N CYS B 165 -5.71 2.23 7.00
CA CYS B 165 -4.80 2.91 7.90
C CYS B 165 -4.41 1.99 9.05
N ILE B 166 -3.11 1.77 9.22
CA ILE B 166 -2.55 0.96 10.30
C ILE B 166 -1.92 1.91 11.30
N HIS B 167 -2.40 1.88 12.54
CA HIS B 167 -1.97 2.83 13.59
C HIS B 167 -0.53 2.62 14.03
N ARG B 168 -0.18 1.36 14.34
CA ARG B 168 1.17 0.95 14.77
C ARG B 168 1.57 1.32 16.21
N ASP B 169 0.70 1.99 16.95
CA ASP B 169 0.93 2.34 18.35
C ASP B 169 -0.39 2.63 19.08
N LEU B 170 -1.36 1.75 18.88
CA LEU B 170 -2.63 1.84 19.58
C LEU B 170 -2.39 1.56 21.06
N ALA B 171 -2.87 2.48 21.89
CA ALA B 171 -2.67 2.45 23.34
C ALA B 171 -3.56 3.52 23.94
N ALA B 172 -3.85 3.42 25.23
CA ALA B 172 -4.74 4.37 25.90
C ALA B 172 -4.21 5.81 25.89
N ARG B 173 -2.88 5.95 25.93
CA ARG B 173 -2.24 7.28 25.79
C ARG B 173 -2.48 7.95 24.42
N ASN B 174 -2.74 7.15 23.38
CA ASN B 174 -3.07 7.66 22.04
C ASN B 174 -4.57 7.59 21.73
N VAL B 175 -5.40 7.62 22.78
CA VAL B 175 -6.83 7.87 22.67
C VAL B 175 -7.07 9.14 23.47
N LEU B 176 -7.89 10.05 22.94
CA LEU B 176 -8.24 11.28 23.66
C LEU B 176 -9.72 11.31 23.96
N VAL B 177 -10.08 12.00 25.04
CA VAL B 177 -11.45 12.09 25.53
C VAL B 177 -11.95 13.54 25.49
N THR B 178 -13.09 13.76 24.82
CA THR B 178 -13.68 15.09 24.68
C THR B 178 -14.56 15.46 25.88
N GLU B 179 -15.08 16.69 25.87
CA GLU B 179 -16.01 17.19 26.90
C GLU B 179 -17.29 16.34 27.05
N ASP B 180 -17.75 15.74 25.96
CA ASP B 180 -18.92 14.84 25.96
C ASP B 180 -18.56 13.35 26.17
N ASN B 181 -17.36 13.08 26.69
CA ASN B 181 -16.84 11.71 26.92
C ASN B 181 -16.72 10.84 25.66
N VAL B 182 -16.49 11.48 24.52
CA VAL B 182 -16.32 10.76 23.26
C VAL B 182 -14.86 10.33 23.16
N MET B 183 -14.64 9.06 22.83
CA MET B 183 -13.29 8.54 22.65
C MET B 183 -12.86 8.80 21.22
N LYS B 184 -11.63 9.28 21.04
CA LYS B 184 -11.11 9.64 19.72
C LYS B 184 -9.69 9.14 19.56
N ILE B 185 -9.48 8.26 18.58
CA ILE B 185 -8.14 7.77 18.27
C ILE B 185 -7.25 8.95 17.85
N ALA B 186 -6.05 9.02 18.42
CA ALA B 186 -5.08 10.09 18.17
C ALA B 186 -3.85 9.55 17.44
N ASP B 187 -3.17 10.44 16.70
CA ASP B 187 -1.89 10.17 16.04
C ASP B 187 -1.89 8.90 15.20
N PHE B 188 -2.92 8.80 14.35
CA PHE B 188 -3.16 7.64 13.49
C PHE B 188 -2.52 7.75 12.11
N GLY B 189 -2.24 8.98 11.65
CA GLY B 189 -1.61 9.21 10.34
C GLY B 189 -0.10 9.30 10.42
N LEU B 190 0.53 8.23 10.92
CA LEU B 190 1.96 8.17 11.23
C LEU B 190 2.57 6.90 10.63
N PRO B 209 6.25 1.51 24.51
CA PRO B 209 5.55 1.16 23.26
C PRO B 209 5.62 -0.32 22.90
N VAL B 210 6.73 -0.97 23.25
CA VAL B 210 6.95 -2.38 22.89
C VAL B 210 5.95 -3.30 23.61
N LYS B 211 5.45 -2.86 24.76
CA LYS B 211 4.45 -3.62 25.53
C LYS B 211 3.04 -3.63 24.93
N TRP B 212 2.81 -2.85 23.87
CA TRP B 212 1.56 -2.86 23.12
C TRP B 212 1.70 -3.53 21.74
N MET B 213 2.92 -3.96 21.38
CA MET B 213 3.19 -4.56 20.07
C MET B 213 2.86 -6.04 20.07
N ALA B 214 2.39 -6.52 18.92
CA ALA B 214 2.24 -7.95 18.67
C ALA B 214 3.64 -8.56 18.47
N PRO B 215 3.80 -9.88 18.69
CA PRO B 215 5.09 -10.53 18.47
C PRO B 215 5.64 -10.38 17.05
N GLU B 216 4.80 -10.67 16.04
CA GLU B 216 5.19 -10.53 14.63
C GLU B 216 5.55 -9.09 14.21
N ALA B 217 5.00 -8.10 14.92
CA ALA B 217 5.41 -6.70 14.76
C ALA B 217 6.75 -6.43 15.44
N LEU B 218 6.93 -7.00 16.63
CA LEU B 218 8.18 -6.86 17.40
C LEU B 218 9.36 -7.60 16.74
N PHE B 219 9.14 -8.86 16.36
CA PHE B 219 10.19 -9.69 15.77
C PHE B 219 10.43 -9.32 14.30
N ASP B 220 9.42 -9.53 13.46
CA ASP B 220 9.56 -9.44 12.00
C ASP B 220 9.25 -8.05 11.39
N ARG B 221 8.89 -7.08 12.23
CA ARG B 221 8.53 -5.73 11.78
C ARG B 221 7.28 -5.67 10.88
N ILE B 222 6.41 -6.68 10.99
CA ILE B 222 5.21 -6.80 10.18
C ILE B 222 4.03 -6.15 10.88
N TYR B 223 3.74 -4.91 10.51
CA TYR B 223 2.60 -4.17 11.04
C TYR B 223 1.37 -4.41 10.15
N THR B 224 0.28 -4.84 10.76
CA THR B 224 -0.96 -5.19 10.06
C THR B 224 -2.13 -4.71 10.91
N HIS B 225 -3.32 -4.69 10.32
CA HIS B 225 -4.54 -4.42 11.09
C HIS B 225 -4.74 -5.42 12.23
N GLN B 226 -4.27 -6.65 12.05
CA GLN B 226 -4.31 -7.67 13.11
C GLN B 226 -3.25 -7.48 14.21
N SER B 227 -2.13 -6.82 13.91
CA SER B 227 -1.20 -6.41 14.96
C SER B 227 -1.77 -5.24 15.80
N ASP B 228 -2.56 -4.37 15.17
CA ASP B 228 -3.34 -3.35 15.89
C ASP B 228 -4.38 -3.98 16.82
N VAL B 229 -4.94 -5.13 16.43
CA VAL B 229 -5.85 -5.89 17.29
C VAL B 229 -5.17 -6.37 18.59
N TRP B 230 -3.93 -6.86 18.49
CA TRP B 230 -3.16 -7.20 19.69
C TRP B 230 -3.10 -6.00 20.62
N SER B 231 -2.63 -4.88 20.06
CA SER B 231 -2.52 -3.61 20.79
C SER B 231 -3.83 -3.21 21.45
N PHE B 232 -4.93 -3.35 20.72
CA PHE B 232 -6.27 -3.11 21.27
C PHE B 232 -6.57 -4.00 22.48
N GLY B 233 -6.10 -5.25 22.44
CA GLY B 233 -6.19 -6.15 23.59
C GLY B 233 -5.50 -5.60 24.82
N VAL B 234 -4.30 -5.06 24.63
CA VAL B 234 -3.55 -4.43 25.72
C VAL B 234 -4.30 -3.17 26.19
N LEU B 235 -4.88 -2.43 25.23
CA LEU B 235 -5.73 -1.27 25.54
C LEU B 235 -6.98 -1.68 26.34
N LEU B 236 -7.62 -2.78 25.97
CA LEU B 236 -8.72 -3.33 26.79
C LEU B 236 -8.29 -3.61 28.23
N TRP B 237 -7.10 -4.18 28.37
CA TRP B 237 -6.52 -4.44 29.70
C TRP B 237 -6.27 -3.13 30.47
N GLU B 238 -5.82 -2.09 29.77
CA GLU B 238 -5.68 -0.75 30.37
C GLU B 238 -7.02 -0.16 30.82
N ILE B 239 -8.07 -0.39 30.03
CA ILE B 239 -9.40 0.10 30.40
C ILE B 239 -9.89 -0.54 31.70
N PHE B 240 -9.85 -1.86 31.77
CA PHE B 240 -10.41 -2.57 32.92
C PHE B 240 -9.48 -2.67 34.15
N THR B 241 -8.24 -2.20 34.02
CA THR B 241 -7.37 -1.91 35.18
C THR B 241 -7.40 -0.42 35.57
N LEU B 242 -8.19 0.40 34.87
CA LEU B 242 -8.27 1.84 35.09
C LEU B 242 -6.92 2.54 34.94
N GLY B 243 -6.27 2.30 33.80
CA GLY B 243 -4.99 2.91 33.47
C GLY B 243 -3.78 2.23 34.09
N GLY B 244 -3.84 0.91 34.22
CA GLY B 244 -2.72 0.12 34.76
C GLY B 244 -1.58 -0.04 33.78
N SER B 245 -0.38 -0.22 34.31
CA SER B 245 0.83 -0.44 33.50
C SER B 245 0.96 -1.93 33.10
N PRO B 246 1.05 -2.24 31.78
CA PRO B 246 1.27 -3.63 31.36
C PRO B 246 2.65 -4.16 31.68
N TYR B 247 2.73 -5.44 32.09
CA TYR B 247 3.99 -6.14 32.37
C TYR B 247 4.94 -5.29 33.24
N PRO B 248 4.48 -4.87 34.44
CA PRO B 248 5.27 -3.94 35.24
C PRO B 248 6.60 -4.53 35.71
N GLY B 249 7.69 -3.81 35.44
CA GLY B 249 9.03 -4.25 35.81
C GLY B 249 9.70 -5.22 34.86
N VAL B 250 9.05 -5.56 33.75
CA VAL B 250 9.58 -6.52 32.78
C VAL B 250 10.29 -5.77 31.65
N PRO B 251 11.62 -5.98 31.49
CA PRO B 251 12.33 -5.38 30.36
C PRO B 251 12.04 -6.10 29.04
N VAL B 252 12.54 -5.55 27.94
CA VAL B 252 12.17 -5.99 26.58
C VAL B 252 12.61 -7.43 26.30
N GLU B 253 13.85 -7.78 26.67
CA GLU B 253 14.38 -9.13 26.45
C GLU B 253 13.51 -10.20 27.10
N GLU B 254 13.17 -9.99 28.37
CA GLU B 254 12.31 -10.90 29.12
C GLU B 254 10.88 -10.97 28.58
N LEU B 255 10.37 -9.85 28.06
CA LEU B 255 9.02 -9.80 27.46
C LEU B 255 8.87 -10.71 26.24
N PHE B 256 9.82 -10.60 25.31
CA PHE B 256 9.85 -11.46 24.11
C PHE B 256 9.87 -12.95 24.45
N LYS B 257 10.62 -13.30 25.49
CA LYS B 257 10.65 -14.67 26.01
C LYS B 257 9.29 -15.09 26.57
N LEU B 258 8.72 -14.27 27.46
CA LEU B 258 7.40 -14.55 28.07
C LEU B 258 6.30 -14.76 27.03
N LEU B 259 6.22 -13.87 26.06
CA LEU B 259 5.20 -13.94 25.01
C LEU B 259 5.40 -15.14 24.08
N LYS B 260 6.66 -15.48 23.79
CA LYS B 260 6.99 -16.68 23.01
C LYS B 260 6.56 -17.98 23.71
N GLU B 261 6.69 -18.00 25.03
CA GLU B 261 6.30 -19.14 25.87
C GLU B 261 4.78 -19.23 26.16
N GLY B 262 4.00 -18.27 25.68
CA GLY B 262 2.55 -18.28 25.84
C GLY B 262 2.02 -17.52 27.06
N HIS B 263 2.90 -16.85 27.79
CA HIS B 263 2.48 -16.04 28.94
C HIS B 263 1.65 -14.86 28.45
N ARG B 264 0.58 -14.59 29.17
CA ARG B 264 -0.32 -13.47 28.90
C ARG B 264 -0.62 -12.79 30.23
N MET B 265 -1.04 -11.53 30.17
CA MET B 265 -1.42 -10.81 31.38
C MET B 265 -2.66 -11.43 31.99
N ASP B 266 -2.74 -11.38 33.32
CA ASP B 266 -3.87 -11.92 34.06
C ASP B 266 -5.10 -11.02 33.96
N LYS B 267 -6.25 -11.61 34.27
CA LYS B 267 -7.54 -10.92 34.29
C LYS B 267 -7.56 -9.85 35.37
N PRO B 268 -7.96 -8.60 35.04
CA PRO B 268 -8.14 -7.58 36.10
C PRO B 268 -9.26 -7.94 37.06
N SER B 269 -9.18 -7.42 38.29
CA SER B 269 -10.12 -7.78 39.37
C SER B 269 -11.59 -7.60 39.01
N ASN B 270 -11.94 -6.44 38.46
CA ASN B 270 -13.31 -6.09 38.12
C ASN B 270 -13.50 -6.18 36.60
N CYS B 271 -13.35 -7.40 36.09
CA CYS B 271 -13.46 -7.69 34.66
C CYS B 271 -14.11 -9.04 34.45
N THR B 272 -15.13 -9.08 33.61
CA THR B 272 -15.87 -10.31 33.34
C THR B 272 -15.03 -11.27 32.50
N ASN B 273 -15.33 -12.57 32.63
CA ASN B 273 -14.65 -13.62 31.85
C ASN B 273 -14.77 -13.36 30.35
N GLU B 274 -15.95 -12.93 29.90
CA GLU B 274 -16.21 -12.60 28.49
C GLU B 274 -15.27 -11.52 27.94
N LEU B 275 -15.03 -10.48 28.73
CA LEU B 275 -14.13 -9.40 28.34
C LEU B 275 -12.68 -9.83 28.39
N TYR B 276 -12.33 -10.66 29.37
CA TYR B 276 -11.00 -11.27 29.40
C TYR B 276 -10.78 -12.23 28.23
N MET B 277 -11.82 -12.98 27.83
CA MET B 277 -11.77 -13.81 26.61
C MET B 277 -11.40 -12.97 25.39
N MET B 278 -12.07 -11.81 25.26
CA MET B 278 -11.80 -10.87 24.17
C MET B 278 -10.34 -10.41 24.16
N MET B 279 -9.77 -10.12 25.33
CA MET B 279 -8.35 -9.79 25.42
C MET B 279 -7.49 -10.94 24.92
N ARG B 280 -7.78 -12.15 25.39
CA ARG B 280 -7.02 -13.33 25.00
C ARG B 280 -7.15 -13.62 23.50
N ASP B 281 -8.35 -13.45 22.95
CA ASP B 281 -8.58 -13.57 21.51
C ASP B 281 -7.71 -12.57 20.73
N CYS B 282 -7.64 -11.33 21.22
CA CYS B 282 -6.75 -10.31 20.67
C CYS B 282 -5.27 -10.68 20.78
N TRP B 283 -4.92 -11.42 21.84
CA TRP B 283 -3.55 -11.90 22.04
C TRP B 283 -3.27 -13.34 21.54
N HIS B 284 -4.00 -13.79 20.51
CA HIS B 284 -3.69 -15.07 19.86
C HIS B 284 -2.35 -14.91 19.13
N ALA B 285 -1.45 -15.86 19.33
CA ALA B 285 -0.12 -15.82 18.71
C ALA B 285 -0.16 -15.85 17.17
N VAL B 286 -1.19 -16.49 16.61
CA VAL B 286 -1.41 -16.57 15.17
C VAL B 286 -2.32 -15.41 14.75
N PRO B 287 -1.76 -14.40 14.04
CA PRO B 287 -2.52 -13.16 13.71
C PRO B 287 -3.87 -13.35 13.00
N SER B 288 -3.96 -14.36 12.13
CA SER B 288 -5.20 -14.65 11.39
C SER B 288 -6.35 -15.18 12.27
N GLN B 289 -6.02 -15.71 13.44
CA GLN B 289 -7.01 -16.22 14.40
C GLN B 289 -7.56 -15.16 15.35
N ARG B 290 -6.94 -13.98 15.39
CA ARG B 290 -7.44 -12.88 16.22
C ARG B 290 -8.73 -12.35 15.61
N PRO B 291 -9.58 -11.72 16.44
CA PRO B 291 -10.74 -11.02 15.89
C PRO B 291 -10.35 -9.83 14.98
N THR B 292 -11.17 -9.56 13.99
CA THR B 292 -11.10 -8.30 13.25
C THR B 292 -11.75 -7.22 14.09
N PHE B 293 -11.45 -5.96 13.77
CA PHE B 293 -12.10 -4.83 14.43
C PHE B 293 -13.60 -4.80 14.13
N LYS B 294 -14.00 -5.22 12.94
CA LYS B 294 -15.42 -5.35 12.58
C LYS B 294 -16.17 -6.22 13.57
N GLN B 295 -15.64 -7.41 13.87
CA GLN B 295 -16.30 -8.33 14.82
C GLN B 295 -16.11 -7.95 16.29
N LEU B 296 -14.99 -7.30 16.64
CA LEU B 296 -14.84 -6.69 17.98
C LEU B 296 -15.92 -5.63 18.25
N VAL B 297 -16.23 -4.83 17.23
CA VAL B 297 -17.34 -3.87 17.29
C VAL B 297 -18.69 -4.59 17.49
N GLU B 298 -18.94 -5.63 16.71
CA GLU B 298 -20.16 -6.43 16.86
C GLU B 298 -20.28 -7.00 18.27
N ASP B 299 -19.20 -7.60 18.76
CA ASP B 299 -19.16 -8.20 20.09
C ASP B 299 -19.33 -7.16 21.19
N LEU B 300 -18.61 -6.04 21.09
CA LEU B 300 -18.70 -4.99 22.10
C LEU B 300 -20.05 -4.29 22.10
N ASP B 301 -20.66 -4.12 20.92
CA ASP B 301 -22.03 -3.57 20.81
C ASP B 301 -23.02 -4.36 21.64
N ARG B 302 -22.93 -5.69 21.54
CA ARG B 302 -23.77 -6.62 22.32
C ARG B 302 -23.50 -6.49 23.82
N ILE B 303 -22.22 -6.45 24.21
CA ILE B 303 -21.84 -6.40 25.64
C ILE B 303 -22.27 -5.07 26.29
N VAL B 304 -22.15 -3.96 25.56
CA VAL B 304 -22.64 -2.64 26.02
C VAL B 304 -24.09 -2.73 26.51
N ALA B 305 -24.96 -3.27 25.67
CA ALA B 305 -26.40 -3.38 25.98
C ALA B 305 -26.71 -4.32 27.16
N LEU B 306 -25.90 -5.37 27.33
CA LEU B 306 -26.07 -6.33 28.42
C LEU B 306 -25.52 -5.86 29.79
N THR B 307 -24.54 -4.94 29.78
CA THR B 307 -23.89 -4.47 31.02
C THR B 307 -24.80 -3.53 31.82
N SER B 308 -24.81 -3.72 33.14
CA SER B 308 -25.81 -3.10 34.04
C SER B 308 -25.34 -1.81 34.72
N ASN B 309 -25.60 -0.67 34.07
CA ASN B 309 -25.39 0.66 34.66
C ASN B 309 -26.50 1.62 34.24
#